data_1GZB
#
_entry.id   1GZB
#
_cell.length_a   74.570
_cell.length_b   74.570
_cell.length_c   117.470
_cell.angle_alpha   90.00
_cell.angle_beta   90.00
_cell.angle_gamma   90.00
#
_symmetry.space_group_name_H-M   'P 42 21 2'
#
loop_
_entity.id
_entity.type
_entity.pdbx_description
1 polymer PEROXIDASE
2 branched 2-acetamido-2-deoxy-beta-D-glucopyranose-(1-4)-2-acetamido-2-deoxy-beta-D-glucopyranose
3 non-polymer 'CALCIUM ION'
4 non-polymer 'PROTOPORPHYRIN IX CONTAINING FE'
5 water water
#
_entity_poly.entity_id   1
_entity_poly.type   'polypeptide(L)'
_entity_poly.pdbx_seq_one_letter_code
;QGPGGGGGSVTCPGGQSTSNSQCCVWFDVLDDLQTNFYQGSKCESPVRKILRIVFHDAIGFSPALTAAGQFGGGGADGSI
IAHSNIELAFPANGGLTDTIEALRAVGINHGVSFGDLIQFATAVGMSNCPGSPRLEFLTGRSNSSQPSPPSLIPGPGNTV
TAILDRMGDAGFSPDEVVDLLAAHSLASQEGLNSAIFRSPLDSTPQVFDTQFYIETLLKGTTQPGPSLGFAEELSPFPGE
FRMRSDALLARDSRTACRWQSMTSSNEVMGQRYRAAMAKMSVLGFDRNALTDCSDVIPSAVSNNAAPVIPGGLTVDDIEV
SCPSEPFPEIATASGPLPSLAPAP
;
_entity_poly.pdbx_strand_id   A
#
loop_
_chem_comp.id
_chem_comp.type
_chem_comp.name
_chem_comp.formula
CA non-polymer 'CALCIUM ION' 'Ca 2'
HEM non-polymer 'PROTOPORPHYRIN IX CONTAINING FE' 'C34 H32 Fe N4 O4'
NAG D-saccharide, beta linking 2-acetamido-2-deoxy-beta-D-glucopyranose 'C8 H15 N O6'
#
# COMPACT_ATOMS: atom_id res chain seq x y z
N SER A 9 21.94 -27.53 11.18
CA SER A 9 20.71 -26.80 11.00
C SER A 9 20.74 -26.27 9.58
N VAL A 10 19.69 -25.58 9.05
CA VAL A 10 19.60 -25.13 7.67
C VAL A 10 20.29 -23.80 7.44
N THR A 11 21.40 -24.02 6.76
CA THR A 11 22.18 -22.92 6.27
C THR A 11 21.92 -23.10 4.78
N CYS A 12 21.77 -21.98 4.09
CA CYS A 12 21.52 -22.02 2.67
C CYS A 12 22.84 -21.97 1.94
N PRO A 13 22.89 -22.18 0.60
CA PRO A 13 24.14 -22.14 -0.20
C PRO A 13 24.99 -20.88 0.00
N GLY A 14 24.30 -19.79 0.38
CA GLY A 14 25.03 -18.55 0.64
C GLY A 14 25.47 -18.39 2.08
N GLY A 15 25.27 -19.37 2.98
CA GLY A 15 25.76 -19.21 4.33
C GLY A 15 24.77 -18.61 5.31
N GLN A 16 23.61 -18.20 4.79
CA GLN A 16 22.63 -17.60 5.69
C GLN A 16 21.87 -18.72 6.36
N SER A 17 21.31 -18.37 7.50
CA SER A 17 20.58 -19.36 8.27
C SER A 17 19.08 -19.07 8.22
N THR A 18 18.27 -20.09 7.89
CA THR A 18 16.84 -19.90 7.89
C THR A 18 16.16 -21.07 8.63
N SER A 19 14.85 -20.86 8.83
CA SER A 19 13.98 -21.76 9.50
C SER A 19 13.72 -23.01 8.67
N ASN A 20 13.68 -22.95 7.33
CA ASN A 20 13.28 -24.11 6.54
C ASN A 20 13.98 -24.18 5.21
N SER A 21 14.17 -25.31 4.55
CA SER A 21 14.83 -25.34 3.24
C SER A 21 14.02 -24.62 2.17
N GLN A 22 12.71 -24.50 2.27
CA GLN A 22 11.98 -23.76 1.23
C GLN A 22 12.29 -22.27 1.19
N CYS A 23 12.97 -21.73 2.19
CA CYS A 23 13.30 -20.34 2.18
C CYS A 23 14.55 -20.03 1.38
N CYS A 24 15.48 -20.99 1.18
CA CYS A 24 16.72 -20.66 0.49
C CYS A 24 16.64 -20.02 -0.88
N VAL A 25 15.74 -20.38 -1.79
CA VAL A 25 15.63 -19.70 -3.10
C VAL A 25 15.32 -18.20 -2.97
N TRP A 26 14.58 -17.81 -1.93
CA TRP A 26 14.21 -16.40 -1.72
C TRP A 26 15.46 -15.54 -1.46
N PHE A 27 16.60 -15.95 -0.90
CA PHE A 27 17.80 -15.10 -0.82
C PHE A 27 18.26 -14.74 -2.24
N ASP A 28 18.02 -15.62 -3.23
CA ASP A 28 18.42 -15.29 -4.60
C ASP A 28 17.49 -14.29 -5.22
N VAL A 29 16.19 -14.43 -5.02
CA VAL A 29 15.32 -13.47 -5.68
C VAL A 29 15.44 -12.14 -4.95
N LEU A 30 15.77 -12.17 -3.67
CA LEU A 30 16.06 -10.95 -2.91
C LEU A 30 17.25 -10.28 -3.61
N ASP A 31 18.36 -10.94 -3.97
CA ASP A 31 19.44 -10.22 -4.63
C ASP A 31 19.05 -9.66 -5.99
N ASP A 32 18.32 -10.39 -6.80
CA ASP A 32 17.88 -9.92 -8.10
C ASP A 32 17.03 -8.63 -8.03
N LEU A 33 16.00 -8.72 -7.22
CA LEU A 33 15.09 -7.61 -7.04
C LEU A 33 15.82 -6.38 -6.52
N GLN A 34 16.66 -6.48 -5.48
CA GLN A 34 17.37 -5.34 -4.92
C GLN A 34 18.31 -4.71 -5.93
N THR A 35 19.09 -5.55 -6.61
CA THR A 35 20.01 -5.09 -7.62
C THR A 35 19.29 -4.55 -8.84
N ASN A 36 18.23 -5.19 -9.32
CA ASN A 36 17.66 -4.72 -10.58
C ASN A 36 16.37 -3.98 -10.48
N PHE A 37 15.26 -4.68 -10.13
CA PHE A 37 13.95 -4.07 -9.99
C PHE A 37 13.99 -2.83 -9.11
N TYR A 38 14.66 -2.83 -7.95
CA TYR A 38 14.73 -1.68 -7.03
C TYR A 38 15.93 -0.78 -7.23
N GLN A 39 16.67 -1.02 -8.34
CA GLN A 39 17.78 -0.19 -8.80
C GLN A 39 18.78 0.15 -7.71
N GLY A 40 19.27 -0.83 -6.96
CA GLY A 40 20.21 -0.53 -5.92
C GLY A 40 19.49 -0.27 -4.62
N SER A 41 18.48 -1.11 -4.37
CA SER A 41 17.69 -1.07 -3.13
C SER A 41 17.10 0.29 -2.71
N LYS A 42 16.51 0.95 -3.72
CA LYS A 42 15.88 2.26 -3.59
C LYS A 42 14.41 2.21 -3.24
N CYS A 43 13.89 3.36 -2.81
CA CYS A 43 12.50 3.49 -2.39
C CYS A 43 11.87 4.50 -3.32
N GLU A 44 11.63 4.07 -4.54
CA GLU A 44 11.11 4.99 -5.51
C GLU A 44 9.90 4.41 -6.21
N SER A 45 9.54 4.89 -7.38
CA SER A 45 8.40 4.39 -8.14
C SER A 45 8.18 2.85 -8.14
N PRO A 46 9.17 1.93 -8.31
CA PRO A 46 8.99 0.49 -8.27
C PRO A 46 8.34 0.00 -6.98
N VAL A 47 8.66 0.56 -5.82
CA VAL A 47 8.03 0.13 -4.56
C VAL A 47 6.57 0.57 -4.55
N ARG A 48 6.29 1.74 -5.07
CA ARG A 48 4.96 2.30 -5.09
C ARG A 48 3.98 1.54 -5.98
N LYS A 49 4.46 1.17 -7.16
CA LYS A 49 3.70 0.42 -8.12
C LYS A 49 3.48 -0.96 -7.52
N ILE A 50 4.46 -1.63 -6.88
CA ILE A 50 4.24 -2.95 -6.31
C ILE A 50 3.18 -2.93 -5.21
N LEU A 51 3.10 -1.88 -4.38
CA LEU A 51 2.08 -1.78 -3.35
C LEU A 51 0.68 -1.68 -3.97
N ARG A 52 0.46 -1.02 -5.14
CA ARG A 52 -0.85 -0.99 -5.79
C ARG A 52 -1.09 -2.40 -6.31
N ILE A 53 -0.06 -3.05 -6.87
CA ILE A 53 -0.18 -4.41 -7.39
C ILE A 53 -0.56 -5.45 -6.33
N VAL A 54 0.06 -5.51 -5.16
CA VAL A 54 -0.28 -6.51 -4.17
C VAL A 54 -1.75 -6.36 -3.72
N PHE A 55 -2.22 -5.09 -3.61
CA PHE A 55 -3.57 -4.80 -3.22
C PHE A 55 -4.48 -5.29 -4.35
N HIS A 56 -4.26 -4.89 -5.61
CA HIS A 56 -5.17 -5.26 -6.71
C HIS A 56 -5.17 -6.74 -7.03
N ASP A 57 -4.09 -7.42 -6.70
CA ASP A 57 -4.04 -8.87 -6.84
C ASP A 57 -4.85 -9.54 -5.72
N ALA A 58 -4.62 -9.22 -4.44
CA ALA A 58 -5.28 -9.88 -3.32
C ALA A 58 -6.74 -9.57 -3.19
N ILE A 59 -7.15 -8.32 -3.47
CA ILE A 59 -8.55 -7.94 -3.32
C ILE A 59 -9.50 -8.57 -4.35
N GLY A 60 -9.05 -9.27 -5.39
CA GLY A 60 -9.96 -9.91 -6.34
C GLY A 60 -10.37 -11.20 -5.66
N PHE A 61 -11.29 -11.05 -4.72
CA PHE A 61 -11.71 -12.20 -3.93
C PHE A 61 -13.10 -11.82 -3.38
N SER A 62 -14.17 -12.54 -3.70
CA SER A 62 -15.47 -12.20 -3.18
C SER A 62 -16.29 -13.40 -2.72
N PRO A 63 -16.40 -13.57 -1.38
CA PRO A 63 -17.28 -14.53 -0.73
C PRO A 63 -18.70 -14.37 -1.24
N ALA A 64 -19.21 -13.15 -1.40
CA ALA A 64 -20.57 -12.93 -1.92
C ALA A 64 -20.76 -13.52 -3.33
N LEU A 65 -19.76 -13.45 -4.23
CA LEU A 65 -19.85 -14.05 -5.57
C LEU A 65 -19.83 -15.58 -5.45
N THR A 66 -18.95 -16.13 -4.59
CA THR A 66 -18.87 -17.55 -4.35
C THR A 66 -20.24 -18.08 -3.90
N ALA A 67 -20.79 -17.37 -2.90
CA ALA A 67 -22.07 -17.75 -2.36
C ALA A 67 -23.15 -17.69 -3.45
N ALA A 68 -23.08 -16.78 -4.39
CA ALA A 68 -24.12 -16.70 -5.40
C ALA A 68 -23.82 -17.69 -6.52
N GLY A 69 -23.01 -18.71 -6.28
CA GLY A 69 -22.66 -19.70 -7.28
C GLY A 69 -21.80 -19.13 -8.40
N GLN A 70 -21.10 -18.00 -8.25
CA GLN A 70 -20.27 -17.47 -9.31
C GLN A 70 -18.80 -17.64 -8.93
N PHE A 71 -17.78 -17.71 -9.81
CA PHE A 71 -16.36 -17.74 -9.39
C PHE A 71 -16.10 -16.42 -8.61
N GLY A 72 -15.54 -16.42 -7.41
CA GLY A 72 -15.34 -15.17 -6.66
C GLY A 72 -13.92 -14.68 -6.72
N GLY A 73 -12.92 -15.27 -7.39
CA GLY A 73 -11.56 -14.72 -7.39
C GLY A 73 -10.66 -15.56 -6.49
N GLY A 74 -9.39 -15.70 -6.81
CA GLY A 74 -8.47 -16.49 -6.00
C GLY A 74 -7.71 -15.70 -4.94
N GLY A 75 -7.89 -14.38 -4.88
CA GLY A 75 -7.22 -13.59 -3.87
C GLY A 75 -5.77 -13.39 -4.26
N ALA A 76 -4.85 -13.61 -3.33
CA ALA A 76 -3.43 -13.35 -3.49
C ALA A 76 -2.79 -14.51 -4.23
N ASP A 77 -3.28 -14.72 -5.46
CA ASP A 77 -2.85 -15.83 -6.28
C ASP A 77 -1.96 -15.45 -7.48
N GLY A 78 -1.59 -14.16 -7.56
CA GLY A 78 -0.76 -13.67 -8.68
C GLY A 78 -1.48 -13.68 -10.03
N SER A 79 -2.81 -13.71 -10.04
CA SER A 79 -3.61 -13.73 -11.27
C SER A 79 -3.39 -12.46 -12.07
N ILE A 80 -3.01 -11.31 -11.41
CA ILE A 80 -2.75 -10.09 -12.16
C ILE A 80 -1.53 -10.22 -13.08
N ILE A 81 -0.61 -11.18 -12.83
CA ILE A 81 0.52 -11.37 -13.71
C ILE A 81 0.12 -12.44 -14.75
N ALA A 82 -0.32 -13.61 -14.29
CA ALA A 82 -0.70 -14.73 -15.17
C ALA A 82 -1.78 -14.40 -16.16
N HIS A 83 -2.73 -13.59 -15.74
CA HIS A 83 -3.85 -13.19 -16.56
C HIS A 83 -3.85 -11.68 -16.71
N SER A 84 -2.66 -11.13 -16.95
CA SER A 84 -2.46 -9.72 -17.09
C SER A 84 -3.26 -9.22 -18.27
N ASN A 85 -3.29 -10.05 -19.32
CA ASN A 85 -4.06 -9.69 -20.50
C ASN A 85 -5.51 -9.38 -20.11
N ILE A 86 -6.23 -9.96 -19.12
CA ILE A 86 -7.57 -9.51 -18.89
C ILE A 86 -7.57 -8.50 -17.72
N GLU A 87 -6.81 -8.72 -16.65
CA GLU A 87 -6.84 -7.82 -15.50
C GLU A 87 -6.33 -6.41 -15.70
N LEU A 88 -5.37 -6.22 -16.57
CA LEU A 88 -4.84 -4.88 -16.75
C LEU A 88 -5.73 -4.00 -17.61
N ALA A 89 -6.84 -4.54 -18.07
CA ALA A 89 -7.82 -3.81 -18.83
C ALA A 89 -8.78 -3.13 -17.85
N PHE A 90 -8.80 -3.55 -16.58
CA PHE A 90 -9.67 -3.03 -15.54
C PHE A 90 -9.36 -1.54 -15.26
N PRO A 91 -10.37 -0.68 -14.93
CA PRO A 91 -10.16 0.74 -14.66
C PRO A 91 -9.03 1.05 -13.67
N ALA A 92 -8.94 0.29 -12.58
CA ALA A 92 -7.94 0.51 -11.57
C ALA A 92 -6.54 -0.04 -11.86
N ASN A 93 -6.26 -0.62 -13.03
CA ASN A 93 -4.98 -1.25 -13.26
C ASN A 93 -4.17 -0.60 -14.36
N GLY A 94 -4.42 0.68 -14.54
CA GLY A 94 -3.68 1.41 -15.54
C GLY A 94 -2.32 1.72 -14.95
N GLY A 95 -1.35 1.95 -15.83
CA GLY A 95 0.01 2.29 -15.46
C GLY A 95 0.80 1.20 -14.73
N LEU A 96 0.43 -0.06 -14.87
CA LEU A 96 1.08 -1.16 -14.20
C LEU A 96 1.76 -2.09 -15.17
N THR A 97 1.63 -1.95 -16.47
CA THR A 97 2.24 -2.90 -17.37
C THR A 97 3.72 -3.18 -17.28
N ASP A 98 4.48 -2.09 -17.20
CA ASP A 98 5.92 -2.20 -17.15
C ASP A 98 6.37 -2.93 -15.90
N THR A 99 5.71 -2.64 -14.78
CA THR A 99 6.03 -3.30 -13.54
C THR A 99 5.61 -4.76 -13.54
N ILE A 100 4.40 -5.08 -14.00
CA ILE A 100 3.95 -6.47 -14.15
C ILE A 100 4.94 -7.29 -15.02
N GLU A 101 5.45 -6.79 -16.15
CA GLU A 101 6.38 -7.54 -17.00
C GLU A 101 7.75 -7.77 -16.37
N ALA A 102 8.29 -6.82 -15.61
CA ALA A 102 9.56 -7.01 -14.95
C ALA A 102 9.36 -8.05 -13.87
N LEU A 103 8.24 -8.09 -13.16
CA LEU A 103 8.03 -9.13 -12.15
C LEU A 103 7.83 -10.48 -12.83
N ARG A 104 7.11 -10.57 -13.95
CA ARG A 104 6.88 -11.84 -14.63
C ARG A 104 8.23 -12.48 -14.91
N ALA A 105 9.22 -11.72 -15.37
CA ALA A 105 10.53 -12.25 -15.70
C ALA A 105 11.27 -12.77 -14.45
N VAL A 106 11.19 -12.09 -13.31
CA VAL A 106 11.92 -12.64 -12.13
C VAL A 106 11.24 -13.97 -11.68
N GLY A 107 9.91 -14.03 -11.86
CA GLY A 107 9.11 -15.18 -11.52
C GLY A 107 9.55 -16.36 -12.34
N ILE A 108 9.57 -16.20 -13.66
CA ILE A 108 9.96 -17.31 -14.56
C ILE A 108 11.42 -17.66 -14.34
N ASN A 109 12.30 -16.66 -14.26
CA ASN A 109 13.71 -16.90 -14.06
C ASN A 109 14.01 -17.56 -12.76
N HIS A 110 13.27 -17.49 -11.66
CA HIS A 110 13.68 -18.16 -10.42
C HIS A 110 12.84 -19.37 -10.11
N GLY A 111 11.78 -19.61 -10.88
CA GLY A 111 10.89 -20.73 -10.61
C GLY A 111 10.05 -20.57 -9.36
N VAL A 112 9.53 -19.37 -9.05
CA VAL A 112 8.68 -19.19 -7.89
C VAL A 112 7.29 -18.85 -8.37
N SER A 113 6.22 -19.07 -7.58
CA SER A 113 4.86 -18.75 -8.02
C SER A 113 4.65 -17.27 -8.10
N PHE A 114 3.85 -16.80 -9.04
CA PHE A 114 3.60 -15.36 -9.11
C PHE A 114 3.00 -14.78 -7.84
N GLY A 115 2.08 -15.49 -7.15
CA GLY A 115 1.43 -15.02 -5.91
C GLY A 115 2.40 -14.80 -4.77
N ASP A 116 3.33 -15.72 -4.59
CA ASP A 116 4.37 -15.58 -3.59
C ASP A 116 5.27 -14.40 -3.92
N LEU A 117 5.69 -14.34 -5.17
CA LEU A 117 6.57 -13.28 -5.66
C LEU A 117 6.00 -11.90 -5.39
N ILE A 118 4.72 -11.65 -5.62
CA ILE A 118 4.16 -10.34 -5.37
C ILE A 118 4.26 -10.01 -3.90
N GLN A 119 3.92 -10.93 -3.00
CA GLN A 119 4.05 -10.72 -1.58
C GLN A 119 5.52 -10.50 -1.14
N PHE A 120 6.47 -11.22 -1.73
CA PHE A 120 7.86 -11.09 -1.40
C PHE A 120 8.34 -9.74 -1.86
N ALA A 121 8.13 -9.34 -3.12
CA ALA A 121 8.59 -8.05 -3.59
C ALA A 121 7.97 -6.92 -2.74
N THR A 122 6.79 -7.07 -2.14
CA THR A 122 6.19 -6.02 -1.28
C THR A 122 7.01 -5.89 0.01
N ALA A 123 7.31 -7.00 0.71
CA ALA A 123 8.07 -6.92 1.92
C ALA A 123 9.49 -6.38 1.65
N VAL A 124 10.15 -6.84 0.57
CA VAL A 124 11.49 -6.35 0.20
C VAL A 124 11.45 -4.86 -0.20
N GLY A 125 10.49 -4.38 -0.99
CA GLY A 125 10.41 -2.98 -1.38
C GLY A 125 10.26 -2.06 -0.15
N MET A 126 9.32 -2.45 0.72
CA MET A 126 9.11 -1.73 1.93
C MET A 126 10.35 -1.67 2.79
N SER A 127 11.23 -2.70 2.84
CA SER A 127 12.40 -2.59 3.68
C SER A 127 13.35 -1.50 3.14
N ASN A 128 13.27 -1.01 1.89
CA ASN A 128 14.07 0.07 1.33
C ASN A 128 13.59 1.46 1.77
N CYS A 129 12.38 1.54 2.30
CA CYS A 129 11.80 2.80 2.71
C CYS A 129 11.91 3.02 4.23
N PRO A 130 12.63 4.03 4.74
CA PRO A 130 12.77 4.30 6.15
C PRO A 130 11.47 4.31 6.91
N GLY A 131 11.48 3.71 8.09
CA GLY A 131 10.32 3.70 8.98
C GLY A 131 9.42 2.50 8.83
N SER A 132 9.59 1.72 7.77
CA SER A 132 8.77 0.57 7.55
C SER A 132 8.92 -0.55 8.59
N PRO A 133 7.84 -1.29 8.95
CA PRO A 133 7.94 -2.50 9.75
C PRO A 133 8.47 -3.63 8.84
N ARG A 134 8.87 -4.77 9.41
CA ARG A 134 9.31 -5.93 8.62
C ARG A 134 8.03 -6.71 8.35
N LEU A 135 7.59 -6.82 7.11
CA LEU A 135 6.38 -7.58 6.88
C LEU A 135 6.66 -9.09 6.98
N GLU A 136 5.63 -9.81 7.42
CA GLU A 136 5.67 -11.26 7.48
C GLU A 136 5.76 -11.77 6.04
N PHE A 137 6.38 -12.90 5.75
CA PHE A 137 6.44 -13.44 4.39
C PHE A 137 6.27 -14.93 4.53
N LEU A 138 5.29 -15.40 3.77
CA LEU A 138 4.90 -16.79 3.73
C LEU A 138 5.05 -17.36 2.33
N THR A 139 5.55 -18.58 2.17
CA THR A 139 5.72 -19.14 0.85
C THR A 139 4.89 -20.41 0.71
N GLY A 140 4.60 -20.74 -0.54
CA GLY A 140 3.82 -21.93 -0.89
C GLY A 140 2.50 -21.68 -1.59
N ARG A 141 2.09 -20.47 -1.97
CA ARG A 141 0.84 -20.29 -2.70
C ARG A 141 1.00 -20.95 -4.07
N SER A 142 0.03 -21.73 -4.50
CA SER A 142 0.06 -22.37 -5.79
C SER A 142 0.12 -21.32 -6.90
N ASN A 143 0.77 -21.67 -8.00
CA ASN A 143 0.96 -20.79 -9.14
C ASN A 143 -0.22 -20.81 -10.10
N SER A 144 -1.16 -21.71 -9.90
CA SER A 144 -2.30 -21.72 -10.78
C SER A 144 -3.34 -20.70 -10.37
N SER A 145 -3.89 -19.96 -11.34
CA SER A 145 -4.91 -18.99 -11.00
C SER A 145 -5.91 -18.89 -12.15
N GLN A 146 -7.08 -18.42 -11.79
CA GLN A 146 -8.11 -18.12 -12.75
C GLN A 146 -8.06 -16.59 -12.84
N PRO A 147 -8.48 -15.92 -13.90
CA PRO A 147 -8.54 -14.46 -13.91
C PRO A 147 -9.57 -13.96 -12.86
N SER A 148 -9.23 -12.87 -12.18
CA SER A 148 -10.08 -12.24 -11.19
C SER A 148 -11.36 -11.79 -11.91
N PRO A 149 -12.50 -11.86 -11.23
CA PRO A 149 -13.71 -11.29 -11.72
C PRO A 149 -13.50 -9.76 -11.84
N PRO A 150 -14.20 -9.03 -12.71
CA PRO A 150 -14.09 -7.60 -12.84
C PRO A 150 -14.82 -6.94 -11.71
N SER A 151 -14.54 -5.67 -11.60
CA SER A 151 -15.15 -4.78 -10.66
C SER A 151 -15.02 -5.07 -9.17
N LEU A 152 -13.90 -5.67 -8.74
CA LEU A 152 -13.72 -5.92 -7.31
C LEU A 152 -12.71 -4.98 -6.69
N ILE A 153 -12.27 -3.94 -7.41
CA ILE A 153 -11.28 -3.04 -6.88
C ILE A 153 -11.99 -1.72 -6.55
N PRO A 154 -11.92 -1.23 -5.30
CA PRO A 154 -12.46 0.07 -4.88
C PRO A 154 -11.88 1.18 -5.76
N GLY A 155 -12.69 2.19 -6.13
CA GLY A 155 -12.22 3.27 -6.95
C GLY A 155 -12.21 4.55 -6.15
N PRO A 156 -11.42 5.55 -6.53
CA PRO A 156 -11.29 6.83 -5.84
C PRO A 156 -12.53 7.72 -5.85
N GLY A 157 -13.47 7.49 -6.75
CA GLY A 157 -14.71 8.26 -6.73
C GLY A 157 -15.82 7.47 -6.01
N ASN A 158 -15.58 6.32 -5.37
CA ASN A 158 -16.66 5.60 -4.70
C ASN A 158 -17.03 6.21 -3.37
N THR A 159 -18.29 6.08 -2.92
CA THR A 159 -18.65 6.60 -1.62
C THR A 159 -18.01 5.66 -0.57
N VAL A 160 -17.97 6.19 0.65
CA VAL A 160 -17.43 5.42 1.76
C VAL A 160 -18.25 4.15 1.94
N THR A 161 -19.59 4.20 1.91
CA THR A 161 -20.34 2.96 2.04
C THR A 161 -19.90 1.93 0.97
N ALA A 162 -19.67 2.33 -0.27
CA ALA A 162 -19.24 1.38 -1.30
C ALA A 162 -17.88 0.74 -1.01
N ILE A 163 -16.91 1.54 -0.57
CA ILE A 163 -15.58 1.06 -0.18
C ILE A 163 -15.70 0.15 1.04
N LEU A 164 -16.47 0.49 2.09
CA LEU A 164 -16.56 -0.38 3.25
C LEU A 164 -17.21 -1.71 2.92
N ASP A 165 -18.30 -1.73 2.15
CA ASP A 165 -18.96 -2.95 1.73
C ASP A 165 -18.06 -3.88 0.91
N ARG A 166 -17.33 -3.36 -0.07
CA ARG A 166 -16.46 -4.21 -0.88
C ARG A 166 -15.35 -4.78 0.02
N MET A 167 -14.72 -3.89 0.79
CA MET A 167 -13.68 -4.32 1.68
C MET A 167 -14.21 -5.26 2.75
N GLY A 168 -15.43 -5.04 3.23
CA GLY A 168 -16.03 -5.89 4.23
C GLY A 168 -16.27 -7.26 3.62
N ASP A 169 -16.69 -7.33 2.34
CA ASP A 169 -16.92 -8.64 1.72
C ASP A 169 -15.60 -9.43 1.67
N ALA A 170 -14.49 -8.76 1.34
CA ALA A 170 -13.19 -9.41 1.28
C ALA A 170 -12.74 -9.82 2.66
N GLY A 171 -13.24 -9.17 3.72
CA GLY A 171 -12.96 -9.58 5.10
C GLY A 171 -12.42 -8.50 6.03
N PHE A 172 -12.37 -7.27 5.58
CA PHE A 172 -11.80 -6.24 6.42
C PHE A 172 -12.90 -5.46 7.10
N SER A 173 -12.58 -5.08 8.33
CA SER A 173 -13.44 -4.27 9.14
C SER A 173 -13.16 -2.84 8.73
N PRO A 174 -13.98 -1.82 9.08
CA PRO A 174 -13.66 -0.41 8.76
C PRO A 174 -12.26 0.01 9.30
N ASP A 175 -11.89 -0.45 10.51
CA ASP A 175 -10.60 -0.13 11.08
C ASP A 175 -9.51 -0.71 10.18
N GLU A 176 -9.63 -1.93 9.65
CA GLU A 176 -8.55 -2.46 8.84
C GLU A 176 -8.44 -1.72 7.49
N VAL A 177 -9.53 -1.16 6.98
CA VAL A 177 -9.49 -0.40 5.74
C VAL A 177 -8.59 0.81 6.06
N VAL A 178 -8.81 1.49 7.19
CA VAL A 178 -7.98 2.63 7.53
C VAL A 178 -6.54 2.20 7.72
N ASP A 179 -6.30 1.03 8.32
CA ASP A 179 -4.95 0.56 8.56
C ASP A 179 -4.18 0.26 7.28
N LEU A 180 -4.92 -0.27 6.31
CA LEU A 180 -4.33 -0.61 5.02
C LEU A 180 -3.89 0.62 4.23
N LEU A 181 -4.61 1.71 4.44
CA LEU A 181 -4.33 2.97 3.78
C LEU A 181 -3.05 3.62 4.26
N ALA A 182 -2.31 3.08 5.26
CA ALA A 182 -1.03 3.64 5.65
C ALA A 182 -0.08 3.57 4.42
N ALA A 183 -0.32 2.68 3.46
CA ALA A 183 0.49 2.60 2.29
C ALA A 183 0.36 3.89 1.46
N HIS A 184 -0.64 4.77 1.68
CA HIS A 184 -0.65 6.03 0.93
C HIS A 184 0.39 7.04 1.49
N SER A 185 1.18 6.59 2.50
CA SER A 185 2.27 7.38 3.04
C SER A 185 3.46 7.24 2.11
N LEU A 186 3.47 6.31 1.15
CA LEU A 186 4.59 6.07 0.24
C LEU A 186 3.91 6.14 -1.13
N ALA A 187 3.35 7.28 -1.47
CA ALA A 187 2.52 7.35 -2.65
C ALA A 187 2.42 8.61 -3.45
N SER A 188 2.05 8.46 -4.70
CA SER A 188 1.79 9.57 -5.61
C SER A 188 0.72 9.06 -6.60
N GLN A 189 0.33 9.92 -7.55
CA GLN A 189 -0.60 9.52 -8.57
C GLN A 189 0.06 9.90 -9.89
N GLU A 190 -0.28 9.20 -10.94
CA GLU A 190 0.25 9.48 -12.27
C GLU A 190 -0.89 9.60 -13.27
N GLY A 191 -2.04 8.96 -13.01
CA GLY A 191 -3.10 8.96 -14.01
C GLY A 191 -4.39 9.62 -13.62
N LEU A 192 -4.46 10.19 -12.44
CA LEU A 192 -5.68 10.89 -12.02
C LEU A 192 -5.58 12.31 -12.60
N ASN A 193 -4.41 12.93 -12.47
CA ASN A 193 -4.15 14.23 -13.06
C ASN A 193 -2.71 14.24 -13.61
N SER A 194 -2.63 13.91 -14.92
CA SER A 194 -1.35 13.81 -15.64
C SER A 194 -0.56 15.10 -15.69
N ALA A 195 -1.23 16.24 -15.53
CA ALA A 195 -0.54 17.52 -15.55
C ALA A 195 0.42 17.69 -14.38
N ILE A 196 0.16 17.01 -13.25
CA ILE A 196 1.05 17.05 -12.09
C ILE A 196 1.49 15.59 -11.79
N PHE A 197 2.24 15.05 -12.76
CA PHE A 197 2.70 13.67 -12.72
C PHE A 197 3.53 13.48 -11.46
N ARG A 198 3.22 12.36 -10.80
CA ARG A 198 3.88 11.94 -9.56
C ARG A 198 3.73 12.95 -8.42
N SER A 199 2.60 13.63 -8.32
CA SER A 199 2.37 14.51 -7.19
C SER A 199 2.18 13.64 -5.93
N PRO A 200 2.97 13.82 -4.85
CA PRO A 200 2.87 13.05 -3.59
C PRO A 200 1.53 13.18 -2.86
N LEU A 201 1.15 12.09 -2.20
CA LEU A 201 -0.07 12.10 -1.41
C LEU A 201 0.24 12.55 0.02
N ASP A 202 1.50 12.65 0.43
CA ASP A 202 1.82 13.25 1.70
C ASP A 202 3.20 13.89 1.49
N SER A 203 3.71 14.71 2.40
CA SER A 203 4.99 15.39 2.19
C SER A 203 6.24 14.53 2.26
N THR A 204 6.14 13.26 2.64
CA THR A 204 7.29 12.40 2.72
C THR A 204 7.02 11.12 1.92
N PRO A 205 6.92 11.12 0.57
CA PRO A 205 6.62 9.92 -0.21
C PRO A 205 7.68 8.85 -0.09
N GLN A 206 8.82 9.13 0.54
CA GLN A 206 9.82 8.11 0.68
C GLN A 206 9.99 7.70 2.12
N VAL A 207 9.10 8.09 3.05
CA VAL A 207 9.24 7.73 4.46
C VAL A 207 7.91 7.10 4.86
N PHE A 208 7.90 5.90 5.44
CA PHE A 208 6.67 5.25 5.88
C PHE A 208 6.43 5.89 7.25
N ASP A 209 5.53 6.88 7.25
CA ASP A 209 5.22 7.60 8.45
C ASP A 209 3.75 8.05 8.54
N THR A 210 3.46 8.73 9.61
CA THR A 210 2.18 9.25 9.96
C THR A 210 1.67 10.45 9.16
N GLN A 211 2.52 11.13 8.38
CA GLN A 211 2.13 12.35 7.70
C GLN A 211 0.92 12.29 6.80
N PHE A 212 0.67 11.18 6.10
CA PHE A 212 -0.50 11.03 5.25
C PHE A 212 -1.79 11.27 6.05
N TYR A 213 -1.91 10.67 7.23
CA TYR A 213 -3.07 10.82 8.08
C TYR A 213 -3.25 12.25 8.51
N ILE A 214 -2.18 12.94 8.89
CA ILE A 214 -2.25 14.32 9.36
C ILE A 214 -2.68 15.23 8.23
N GLU A 215 -2.05 15.04 7.07
CA GLU A 215 -2.24 15.94 5.96
C GLU A 215 -3.52 15.82 5.15
N THR A 216 -4.24 14.69 5.23
CA THR A 216 -5.50 14.55 4.55
C THR A 216 -6.58 15.18 5.41
N LEU A 217 -6.26 15.38 6.69
CA LEU A 217 -7.19 16.00 7.65
C LEU A 217 -7.18 17.53 7.60
N LEU A 218 -6.13 18.03 6.97
CA LEU A 218 -5.90 19.45 6.85
C LEU A 218 -6.92 20.05 5.90
N LYS A 219 -7.26 21.33 6.12
CA LYS A 219 -8.18 22.01 5.24
C LYS A 219 -7.74 22.08 3.78
N GLY A 220 -8.55 21.68 2.82
CA GLY A 220 -8.18 21.70 1.40
C GLY A 220 -8.26 23.12 0.93
N THR A 221 -7.09 23.69 0.73
CA THR A 221 -6.83 25.07 0.36
C THR A 221 -6.39 25.41 -1.07
N THR A 222 -5.59 24.51 -1.62
CA THR A 222 -4.83 24.59 -2.86
C THR A 222 -5.25 23.69 -4.02
N GLN A 223 -5.30 24.16 -5.29
CA GLN A 223 -5.58 23.31 -6.43
C GLN A 223 -4.15 23.19 -6.94
N PRO A 224 -3.50 22.04 -6.83
CA PRO A 224 -2.13 21.86 -7.26
C PRO A 224 -1.82 21.92 -8.75
N GLY A 225 -2.74 21.64 -9.68
CA GLY A 225 -2.49 21.64 -11.11
C GLY A 225 -3.35 22.64 -11.85
N PRO A 226 -3.28 22.77 -13.17
CA PRO A 226 -4.10 23.71 -13.95
C PRO A 226 -5.61 23.41 -13.95
N SER A 227 -5.97 22.18 -13.65
CA SER A 227 -7.38 21.85 -13.48
C SER A 227 -7.43 20.70 -12.49
N LEU A 228 -8.68 20.31 -12.14
CA LEU A 228 -8.87 19.22 -11.24
C LEU A 228 -8.93 17.97 -12.11
N GLY A 229 -8.49 16.85 -11.54
CA GLY A 229 -8.45 15.59 -12.26
C GLY A 229 -9.51 14.62 -11.75
N PHE A 230 -9.53 13.36 -12.22
CA PHE A 230 -10.53 12.42 -11.77
C PHE A 230 -10.39 12.23 -10.24
N ALA A 231 -11.53 12.45 -9.59
CA ALA A 231 -11.70 12.29 -8.15
C ALA A 231 -10.70 13.09 -7.31
N GLU A 232 -10.28 14.24 -7.86
CA GLU A 232 -9.33 15.13 -7.20
C GLU A 232 -10.07 16.22 -6.39
N GLU A 233 -9.50 16.53 -5.21
CA GLU A 233 -10.02 17.50 -4.27
C GLU A 233 -8.95 18.55 -3.95
N LEU A 234 -9.27 19.72 -3.37
CA LEU A 234 -8.26 20.73 -3.06
C LEU A 234 -7.41 20.17 -1.93
N SER A 235 -6.11 20.41 -2.04
CA SER A 235 -5.13 19.89 -1.11
C SER A 235 -4.65 21.03 -0.20
N PRO A 236 -3.84 20.84 0.84
CA PRO A 236 -3.42 21.88 1.76
C PRO A 236 -2.20 22.67 1.34
N PHE A 237 -1.45 22.30 0.30
CA PHE A 237 -0.28 23.07 -0.11
C PHE A 237 0.16 22.56 -1.49
N PRO A 238 0.80 23.44 -2.26
CA PRO A 238 1.22 23.15 -3.62
C PRO A 238 1.99 21.85 -3.77
N GLY A 239 1.69 21.12 -4.85
CA GLY A 239 2.42 19.88 -5.09
C GLY A 239 1.81 18.63 -4.47
N GLU A 240 0.96 18.80 -3.49
CA GLU A 240 0.33 17.64 -2.89
C GLU A 240 -1.01 17.37 -3.58
N PHE A 241 -1.29 16.10 -3.89
CA PHE A 241 -2.57 15.72 -4.48
C PHE A 241 -3.44 15.11 -3.38
N ARG A 242 -4.76 15.38 -3.42
CA ARG A 242 -5.68 14.81 -2.48
C ARG A 242 -6.80 14.13 -3.28
N MET A 243 -6.89 12.86 -2.98
CA MET A 243 -7.82 11.94 -3.57
C MET A 243 -9.14 11.97 -2.76
N ARG A 244 -10.29 12.06 -3.44
CA ARG A 244 -11.59 12.11 -2.83
C ARG A 244 -11.84 10.94 -1.85
N SER A 245 -11.54 9.67 -2.14
CA SER A 245 -11.80 8.61 -1.18
C SER A 245 -11.01 8.81 0.13
N ASP A 246 -9.76 9.31 0.05
CA ASP A 246 -8.95 9.57 1.26
C ASP A 246 -9.51 10.76 2.05
N ALA A 247 -10.00 11.81 1.39
CA ALA A 247 -10.59 12.95 2.07
C ALA A 247 -11.85 12.47 2.78
N LEU A 248 -12.74 11.74 2.08
CA LEU A 248 -13.99 11.22 2.64
C LEU A 248 -13.77 10.27 3.80
N LEU A 249 -12.85 9.31 3.68
CA LEU A 249 -12.60 8.38 4.76
C LEU A 249 -12.04 9.07 5.98
N ALA A 250 -11.28 10.16 5.87
CA ALA A 250 -10.74 10.83 7.04
C ALA A 250 -11.81 11.56 7.84
N ARG A 251 -12.85 11.91 7.14
CA ARG A 251 -13.94 12.65 7.66
C ARG A 251 -15.18 11.84 8.02
N ASP A 252 -15.45 10.66 7.48
CA ASP A 252 -16.68 9.91 7.74
C ASP A 252 -16.77 9.42 9.17
N SER A 253 -17.96 9.46 9.79
CA SER A 253 -18.06 9.02 11.18
C SER A 253 -17.69 7.58 11.40
N ARG A 254 -17.88 6.69 10.43
CA ARG A 254 -17.50 5.30 10.60
C ARG A 254 -15.99 5.04 10.68
N THR A 255 -15.14 5.92 10.12
CA THR A 255 -13.70 5.69 10.09
C THR A 255 -12.83 6.81 10.70
N ALA A 256 -13.46 7.95 10.95
CA ALA A 256 -12.78 9.13 11.45
C ALA A 256 -12.01 8.95 12.74
N CYS A 257 -12.45 8.14 13.72
CA CYS A 257 -11.66 8.06 14.93
C CYS A 257 -10.40 7.17 14.73
N ARG A 258 -10.50 6.11 13.89
CA ARG A 258 -9.33 5.28 13.64
C ARG A 258 -8.34 6.13 12.87
N TRP A 259 -8.79 6.92 11.91
CA TRP A 259 -7.91 7.78 11.12
C TRP A 259 -7.12 8.74 12.02
N GLN A 260 -7.83 9.34 12.99
CA GLN A 260 -7.26 10.27 13.93
C GLN A 260 -6.28 9.59 14.86
N SER A 261 -6.53 8.34 15.23
CA SER A 261 -5.61 7.68 16.15
C SER A 261 -4.24 7.32 15.54
N MET A 262 -4.21 7.35 14.20
CA MET A 262 -3.02 7.05 13.39
C MET A 262 -2.14 8.24 13.26
N THR A 263 -2.55 9.44 13.68
CA THR A 263 -1.74 10.62 13.42
C THR A 263 -0.53 10.75 14.30
N SER A 264 -0.46 10.21 15.51
CA SER A 264 0.70 10.59 16.31
C SER A 264 1.79 9.61 16.61
N SER A 265 1.56 8.33 16.26
CA SER A 265 2.57 7.34 16.53
C SER A 265 2.86 6.47 15.31
N ASN A 266 4.12 6.55 14.92
CA ASN A 266 4.57 5.75 13.81
C ASN A 266 4.68 4.30 14.29
N GLU A 267 4.88 4.02 15.58
CA GLU A 267 4.97 2.66 16.07
C GLU A 267 3.62 1.92 15.96
N VAL A 268 2.55 2.56 16.44
CA VAL A 268 1.21 2.00 16.41
C VAL A 268 0.76 1.81 14.96
N MET A 269 0.95 2.87 14.14
CA MET A 269 0.60 2.78 12.74
C MET A 269 1.29 1.58 12.08
N GLY A 270 2.58 1.38 12.30
CA GLY A 270 3.33 0.29 11.67
C GLY A 270 2.87 -1.10 12.10
N GLN A 271 2.59 -1.23 13.39
CA GLN A 271 2.11 -2.44 14.02
C GLN A 271 0.77 -2.84 13.39
N ARG A 272 -0.16 -1.89 13.25
CA ARG A 272 -1.48 -2.13 12.70
C ARG A 272 -1.41 -2.42 11.19
N TYR A 273 -0.62 -1.67 10.43
CA TYR A 273 -0.43 -1.90 9.02
C TYR A 273 0.13 -3.31 8.79
N ARG A 274 1.16 -3.75 9.53
CA ARG A 274 1.76 -5.08 9.39
C ARG A 274 0.74 -6.22 9.60
N ALA A 275 -0.17 -6.02 10.56
CA ALA A 275 -1.22 -6.96 10.88
C ALA A 275 -2.26 -7.02 9.75
N ALA A 276 -2.66 -5.88 9.19
CA ALA A 276 -3.66 -5.88 8.14
C ALA A 276 -3.06 -6.48 6.89
N MET A 277 -1.81 -6.20 6.62
CA MET A 277 -1.15 -6.74 5.46
C MET A 277 -0.94 -8.22 5.59
N ALA A 278 -0.66 -8.79 6.76
CA ALA A 278 -0.48 -10.23 6.91
C ALA A 278 -1.81 -10.91 6.60
N LYS A 279 -2.92 -10.25 6.95
CA LYS A 279 -4.25 -10.76 6.69
C LYS A 279 -4.51 -10.67 5.19
N MET A 280 -4.10 -9.62 4.50
CA MET A 280 -4.35 -9.49 3.10
C MET A 280 -3.56 -10.47 2.24
N SER A 281 -2.34 -10.82 2.67
CA SER A 281 -1.47 -11.70 1.92
C SER A 281 -1.98 -13.13 1.76
N VAL A 282 -2.95 -13.53 2.59
CA VAL A 282 -3.46 -14.89 2.57
C VAL A 282 -4.88 -14.99 2.09
N LEU A 283 -5.47 -13.92 1.55
CA LEU A 283 -6.80 -14.00 0.97
C LEU A 283 -6.80 -15.11 -0.11
N GLY A 284 -7.74 -16.05 0.07
CA GLY A 284 -7.93 -17.18 -0.78
C GLY A 284 -7.03 -18.33 -0.38
N PHE A 285 -6.29 -18.28 0.72
CA PHE A 285 -5.35 -19.32 1.16
C PHE A 285 -5.50 -19.63 2.62
N ASP A 286 -4.96 -20.78 3.01
CA ASP A 286 -4.92 -21.22 4.40
C ASP A 286 -3.50 -20.93 4.85
N ARG A 287 -3.42 -20.00 5.76
CA ARG A 287 -2.16 -19.62 6.33
C ARG A 287 -1.33 -20.80 6.83
N ASN A 288 -2.03 -21.75 7.46
CA ASN A 288 -1.43 -22.94 8.06
C ASN A 288 -0.88 -23.86 7.02
N ALA A 289 -1.26 -23.70 5.74
CA ALA A 289 -0.65 -24.51 4.70
C ALA A 289 0.58 -23.86 4.05
N LEU A 290 0.92 -22.64 4.46
CA LEU A 290 2.08 -21.96 3.89
C LEU A 290 3.28 -22.10 4.82
N THR A 291 4.52 -21.95 4.31
CA THR A 291 5.74 -22.02 5.11
C THR A 291 6.26 -20.63 5.39
N ASP A 292 6.49 -20.32 6.67
CA ASP A 292 6.99 -19.04 7.07
C ASP A 292 8.44 -18.85 6.70
N CYS A 293 8.72 -17.81 5.93
CA CYS A 293 10.08 -17.46 5.55
C CYS A 293 10.32 -15.99 5.88
N SER A 294 9.78 -15.49 6.99
CA SER A 294 9.92 -14.07 7.36
C SER A 294 11.33 -13.65 7.68
N ASP A 295 12.19 -14.60 8.10
CA ASP A 295 13.55 -14.21 8.44
C ASP A 295 14.41 -13.83 7.22
N VAL A 296 13.92 -14.05 5.98
CA VAL A 296 14.65 -13.69 4.78
C VAL A 296 14.56 -12.15 4.60
N ILE A 297 13.52 -11.51 5.18
CA ILE A 297 13.26 -10.09 5.01
C ILE A 297 14.19 -9.18 5.83
N PRO A 298 15.03 -8.32 5.30
CA PRO A 298 15.90 -7.43 6.07
C PRO A 298 15.12 -6.29 6.75
N SER A 299 15.77 -5.71 7.76
CA SER A 299 15.24 -4.57 8.48
C SER A 299 15.37 -3.32 7.63
N ALA A 300 14.47 -2.34 7.82
CA ALA A 300 14.55 -1.07 7.09
C ALA A 300 15.32 -0.10 8.00
N VAL A 301 15.88 0.99 7.51
CA VAL A 301 16.51 1.93 8.41
C VAL A 301 15.40 2.61 9.24
N SER A 302 15.62 2.95 10.52
CA SER A 302 14.60 3.60 11.32
C SER A 302 14.38 5.04 10.92
N ASN A 303 13.15 5.48 11.14
CA ASN A 303 12.77 6.86 10.85
C ASN A 303 12.89 7.55 12.22
N ASN A 304 13.69 8.61 12.32
CA ASN A 304 13.84 9.32 13.60
C ASN A 304 13.08 10.62 13.72
N ALA A 305 12.41 11.07 12.66
CA ALA A 305 11.64 12.29 12.69
C ALA A 305 10.28 12.06 13.43
N ALA A 306 9.80 13.08 14.15
CA ALA A 306 8.57 13.09 14.92
C ALA A 306 7.48 13.63 14.00
N PRO A 307 6.24 13.22 14.22
CA PRO A 307 5.09 13.70 13.45
C PRO A 307 5.01 15.21 13.52
N VAL A 308 4.63 15.94 12.46
CA VAL A 308 4.48 17.38 12.54
C VAL A 308 3.33 17.85 11.68
N ILE A 309 2.84 19.03 12.03
CA ILE A 309 1.84 19.72 11.25
C ILE A 309 2.84 20.62 10.49
N PRO A 310 3.00 20.49 9.18
CA PRO A 310 3.95 21.26 8.41
C PRO A 310 3.55 22.69 8.04
N GLY A 311 4.59 23.42 7.65
CA GLY A 311 4.54 24.74 7.04
C GLY A 311 3.86 25.89 7.75
N GLY A 312 3.83 25.85 9.07
CA GLY A 312 3.20 26.94 9.79
C GLY A 312 1.75 26.64 10.18
N LEU A 313 1.08 25.67 9.57
CA LEU A 313 -0.30 25.39 9.91
C LEU A 313 -0.41 24.88 11.35
N THR A 314 -1.59 24.92 11.98
CA THR A 314 -1.72 24.51 13.38
C THR A 314 -2.93 23.60 13.46
N VAL A 315 -3.30 23.24 14.68
CA VAL A 315 -4.46 22.41 14.86
C VAL A 315 -5.74 23.09 14.37
N ASP A 316 -5.79 24.42 14.35
CA ASP A 316 -6.94 25.11 13.78
C ASP A 316 -7.22 24.82 12.33
N ASP A 317 -6.22 24.32 11.59
CA ASP A 317 -6.36 23.99 10.17
C ASP A 317 -6.79 22.56 9.94
N ILE A 318 -6.78 21.70 10.99
CA ILE A 318 -7.20 20.35 10.74
C ILE A 318 -8.70 20.27 11.08
N GLU A 319 -9.44 19.64 10.15
CA GLU A 319 -10.88 19.44 10.26
C GLU A 319 -11.20 18.25 11.17
N VAL A 320 -11.17 18.44 12.50
CA VAL A 320 -11.38 17.33 13.47
C VAL A 320 -12.75 16.70 13.23
N SER A 321 -12.67 15.40 13.06
CA SER A 321 -13.81 14.62 12.71
C SER A 321 -14.05 13.47 13.65
N CYS A 322 -13.34 13.28 14.77
CA CYS A 322 -13.67 12.19 15.71
C CYS A 322 -14.35 12.90 16.87
N PRO A 323 -15.66 12.84 17.07
CA PRO A 323 -16.34 13.58 18.13
C PRO A 323 -16.02 13.09 19.52
N SER A 324 -15.32 12.01 19.68
CA SER A 324 -15.07 11.56 21.03
C SER A 324 -13.69 11.92 21.60
N GLU A 325 -12.65 11.54 20.86
CA GLU A 325 -11.23 11.68 21.22
C GLU A 325 -10.74 13.03 20.74
N PRO A 326 -10.20 13.88 21.58
CA PRO A 326 -9.59 15.14 21.15
C PRO A 326 -8.32 14.88 20.31
N PHE A 327 -8.05 15.82 19.39
CA PHE A 327 -6.89 15.70 18.49
C PHE A 327 -5.58 15.66 19.27
N PRO A 328 -4.68 14.74 18.91
CA PRO A 328 -3.34 14.62 19.50
C PRO A 328 -2.50 15.88 19.39
N GLU A 329 -1.67 16.05 20.42
CA GLU A 329 -0.72 17.14 20.58
C GLU A 329 0.40 16.88 19.56
N ILE A 330 0.35 17.38 18.34
CA ILE A 330 1.39 17.09 17.37
C ILE A 330 2.22 18.36 17.24
N ALA A 331 3.51 18.23 17.02
CA ALA A 331 4.35 19.38 16.84
C ALA A 331 3.99 20.18 15.58
N THR A 332 4.39 21.45 15.60
CA THR A 332 4.16 22.46 14.58
C THR A 332 5.52 22.80 13.98
N ALA A 333 5.54 23.42 12.82
CA ALA A 333 6.84 23.75 12.24
C ALA A 333 6.70 25.22 11.88
N SER A 334 7.76 25.98 12.09
CA SER A 334 7.66 27.40 11.78
C SER A 334 8.11 27.45 10.36
N GLY A 335 7.23 26.96 9.46
CA GLY A 335 7.67 27.00 8.09
C GLY A 335 6.83 28.03 7.36
N PRO A 336 7.28 28.37 6.15
CA PRO A 336 6.38 28.86 5.08
C PRO A 336 5.73 27.52 4.56
N LEU A 337 4.57 27.59 3.91
CA LEU A 337 3.91 26.41 3.35
C LEU A 337 4.88 25.73 2.37
N PRO A 338 5.03 24.39 2.44
CA PRO A 338 5.86 23.66 1.50
C PRO A 338 5.26 23.54 0.11
N SER A 339 6.13 23.27 -0.86
CA SER A 339 5.72 23.02 -2.25
C SER A 339 6.34 21.65 -2.47
N LEU A 340 5.54 20.64 -2.76
CA LEU A 340 6.16 19.37 -2.90
C LEU A 340 6.61 19.05 -4.31
N ALA A 341 7.85 18.54 -4.42
CA ALA A 341 8.42 18.06 -5.67
C ALA A 341 7.78 16.69 -5.98
N PRO A 342 7.66 16.25 -7.22
CA PRO A 342 7.12 14.95 -7.56
C PRO A 342 7.86 13.85 -6.83
N ALA A 343 7.18 12.76 -6.50
CA ALA A 343 7.78 11.64 -5.81
C ALA A 343 8.77 11.04 -6.84
N PRO A 344 9.96 10.56 -6.43
CA PRO A 344 11.00 10.10 -7.35
C PRO A 344 10.79 8.75 -8.03
C1 NAG B . 3.31 -20.03 -13.32
C2 NAG B . 4.64 -20.63 -13.81
C3 NAG B . 5.16 -19.81 -14.99
C4 NAG B . 4.05 -19.72 -16.08
C5 NAG B . 2.69 -19.33 -15.54
C6 NAG B . 1.62 -19.58 -16.57
C7 NAG B . 5.99 -21.74 -12.06
C8 NAG B . 7.02 -21.62 -10.96
N2 NAG B . 5.64 -20.64 -12.75
O3 NAG B . 6.34 -20.46 -15.47
O4 NAG B . 4.38 -18.71 -17.05
O5 NAG B . 2.35 -20.11 -14.37
O6 NAG B . 0.40 -19.03 -16.12
O7 NAG B . 5.47 -22.84 -12.30
C1 NAG B . 4.91 -19.01 -18.34
C2 NAG B . 4.89 -17.71 -19.14
C3 NAG B . 5.56 -17.99 -20.51
C4 NAG B . 6.98 -18.55 -20.29
C5 NAG B . 6.85 -19.85 -19.48
C6 NAG B . 8.22 -20.50 -19.21
C7 NAG B . 3.02 -16.20 -18.54
C8 NAG B . 1.56 -15.87 -18.71
N2 NAG B . 3.51 -17.23 -19.28
O3 NAG B . 5.60 -16.78 -21.29
O4 NAG B . 7.70 -18.74 -21.51
O5 NAG B . 6.23 -19.53 -18.23
O6 NAG B . 8.26 -21.12 -17.95
O7 NAG B . 3.69 -15.49 -17.81
CA CA C . -5.60 -12.14 -7.71
CA CA D . 5.20 9.46 4.12
CHA HEM E . -2.07 5.08 -5.49
CHB HEM E . -6.80 4.41 -4.93
CHC HEM E . -5.99 1.54 -1.20
CHD HEM E . -1.34 1.55 -2.34
C1A HEM E . -3.43 5.11 -5.68
C2A HEM E . -4.09 5.70 -6.81
C3A HEM E . -5.41 5.47 -6.69
C4A HEM E . -5.58 4.74 -5.46
CMA HEM E . -6.51 5.93 -7.62
CAA HEM E . -3.42 6.51 -7.92
CBA HEM E . -2.80 5.68 -8.99
CGA HEM E . -2.24 6.52 -10.12
O1A HEM E . -1.05 6.53 -10.34
O2A HEM E . -2.98 7.23 -10.82
C1B HEM E . -7.00 3.73 -3.75
C2B HEM E . -8.30 3.38 -3.21
C3B HEM E . -8.09 2.57 -2.14
C4B HEM E . -6.62 2.47 -2.00
CMB HEM E . -9.66 3.82 -3.73
CAB HEM E . -9.07 1.87 -1.45
CBB HEM E . -9.64 2.29 -0.19
C1C HEM E . -4.65 1.23 -1.23
C2C HEM E . -4.09 0.08 -0.58
C3C HEM E . -2.80 -0.01 -0.97
C4C HEM E . -2.57 1.14 -1.86
CMC HEM E . -4.79 -0.83 0.43
CAC HEM E . -1.86 -1.00 -0.71
CBC HEM E . -1.49 -1.52 0.56
C1D HEM E . -1.11 2.68 -3.13
C2D HEM E . 0.18 3.22 -3.46
C3D HEM E . -0.03 4.18 -4.38
C4D HEM E . -1.44 4.30 -4.53
CMD HEM E . 1.47 2.88 -2.72
CAD HEM E . 1.01 5.04 -5.09
CBD HEM E . 1.38 4.62 -6.50
CGD HEM E . 2.45 5.45 -7.17
O1D HEM E . 2.77 5.17 -8.31
O2D HEM E . 2.99 6.37 -6.58
NA HEM E . -4.36 4.48 -4.87
NB HEM E . -5.97 3.21 -2.98
NC HEM E . -3.74 1.87 -2.02
ND HEM E . -2.11 3.42 -3.70
FE HEM E . -4.03 3.39 -3.27
#